data_6M8F
#
_entry.id   6M8F
#
_cell.length_a   90.780
_cell.length_b   90.780
_cell.length_c   45.580
_cell.angle_alpha   90.00
_cell.angle_beta   90.00
_cell.angle_gamma   120.00
#
_symmetry.space_group_name_H-M   'P 6'
#
loop_
_entity.id
_entity.type
_entity.pdbx_description
1 polymer Myoglobin
2 branched beta-D-fructofuranose-(2-1)-alpha-D-glucopyranose
3 non-polymer 'SULFATE ION'
4 non-polymer 'PROTOPORPHYRIN IX CONTAINING FE'
5 water water
#
_entity_poly.entity_id   1
_entity_poly.type   'polypeptide(L)'
_entity_poly.pdbx_seq_one_letter_code
;MVLSEGEWQLVLHVWAKVEADVAGHGQDILIRLFKSHPETLEKFDRFKHLKTEAEMKASEDLKKVGVTALTALGAILKKK
GHHEAELKPLAQSHATKHKIPIKYLEFISEAIIHVLHSRHPGNFGADAQGAMNKALELFRKDIAAKYKELGYQG
;
_entity_poly.pdbx_strand_id   A
#
loop_
_chem_comp.id
_chem_comp.type
_chem_comp.name
_chem_comp.formula
FRU D-saccharide, beta linking beta-D-fructofuranose 'C6 H12 O6'
GLC D-saccharide, alpha linking alpha-D-glucopyranose 'C6 H12 O6'
HEM non-polymer 'PROTOPORPHYRIN IX CONTAINING FE' 'C34 H32 Fe N4 O4'
SO4 non-polymer 'SULFATE ION' 'O4 S -2'
#
# COMPACT_ATOMS: atom_id res chain seq x y z
N MET A 1 -14.42 12.92 -0.31
CA MET A 1 -13.81 12.93 1.06
C MET A 1 -12.52 13.72 1.03
N VAL A 2 -12.25 14.43 2.13
CA VAL A 2 -11.12 15.33 2.21
C VAL A 2 -10.52 15.24 3.62
N LEU A 3 -9.24 14.95 3.69
CA LEU A 3 -8.54 14.95 4.98
C LEU A 3 -8.22 16.38 5.41
N SER A 4 -8.23 16.60 6.71
CA SER A 4 -7.74 17.86 7.26
C SER A 4 -6.22 17.85 7.27
N GLU A 5 -5.65 19.05 7.42
CA GLU A 5 -4.20 19.14 7.58
C GLU A 5 -3.73 18.34 8.79
N GLY A 6 -4.47 18.42 9.90
CA GLY A 6 -4.08 17.65 11.09
C GLY A 6 -4.03 16.15 10.81
N GLU A 7 -5.00 15.65 10.04
CA GLU A 7 -4.99 14.24 9.64
C GLU A 7 -3.79 13.92 8.77
N TRP A 8 -3.49 14.77 7.77
CA TRP A 8 -2.30 14.55 6.96
C TRP A 8 -1.03 14.54 7.82
N GLN A 9 -0.95 15.40 8.82
CA GLN A 9 0.25 15.40 9.66
C GLN A 9 0.40 14.10 10.45
N LEU A 10 -0.70 13.51 10.91
CA LEU A 10 -0.60 12.21 11.57
C LEU A 10 -0.10 11.14 10.63
N VAL A 11 -0.58 11.17 9.38
CA VAL A 11 -0.15 10.22 8.35
C VAL A 11 1.35 10.39 8.08
N LEU A 12 1.78 11.62 7.86
CA LEU A 12 3.17 11.86 7.47
C LEU A 12 4.13 11.64 8.64
N HIS A 13 3.66 11.82 9.87
CA HIS A 13 4.51 11.59 11.03
CA HIS A 13 4.54 11.59 11.02
C HIS A 13 4.87 10.11 11.20
N VAL A 14 3.90 9.21 10.99
CA VAL A 14 4.23 7.79 11.03
C VAL A 14 5.01 7.38 9.79
N TRP A 15 4.72 7.97 8.62
CA TRP A 15 5.47 7.61 7.41
C TRP A 15 6.94 7.95 7.56
N ALA A 16 7.26 9.02 8.28
CA ALA A 16 8.64 9.38 8.52
C ALA A 16 9.41 8.26 9.21
N LYS A 17 8.73 7.49 10.07
CA LYS A 17 9.36 6.35 10.74
C LYS A 17 9.52 5.16 9.80
N VAL A 18 8.51 4.89 8.95
CA VAL A 18 8.64 3.88 7.91
C VAL A 18 9.91 4.13 7.11
N GLU A 19 10.17 5.39 6.77
CA GLU A 19 11.31 5.79 5.94
C GLU A 19 12.66 5.60 6.61
N ALA A 20 12.73 5.31 7.90
CA ALA A 20 14.01 4.89 8.47
C ALA A 20 14.48 3.56 7.89
N ASP A 21 13.55 2.73 7.41
CA ASP A 21 13.90 1.40 6.91
C ASP A 21 12.80 0.94 5.97
N VAL A 22 12.75 1.52 4.77
CA VAL A 22 11.66 1.16 3.89
C VAL A 22 11.70 -0.31 3.50
N ALA A 23 12.90 -0.84 3.25
CA ALA A 23 13.02 -2.25 2.86
C ALA A 23 12.42 -3.20 3.90
N GLY A 24 12.73 -3.01 5.19
CA GLY A 24 12.20 -3.90 6.20
C GLY A 24 10.70 -3.79 6.37
N HIS A 25 10.18 -2.56 6.29
CA HIS A 25 8.72 -2.40 6.33
C HIS A 25 8.06 -3.06 5.13
N GLY A 26 8.65 -2.96 3.93
CA GLY A 26 8.06 -3.57 2.76
C GLY A 26 8.03 -5.09 2.87
N GLN A 27 9.08 -5.68 3.43
CA GLN A 27 9.08 -7.12 3.65
C GLN A 27 7.95 -7.51 4.60
N ASP A 28 7.84 -6.81 5.73
CA ASP A 28 6.80 -7.15 6.70
C ASP A 28 5.40 -7.04 6.09
N ILE A 29 5.17 -5.97 5.32
CA ILE A 29 3.85 -5.71 4.74
C ILE A 29 3.49 -6.77 3.68
N LEU A 30 4.42 -7.07 2.76
CA LEU A 30 4.13 -8.08 1.75
C LEU A 30 3.94 -9.46 2.37
N ILE A 31 4.77 -9.81 3.36
CA ILE A 31 4.63 -11.11 3.99
C ILE A 31 3.29 -11.22 4.69
N ARG A 32 2.87 -10.16 5.39
CA ARG A 32 1.55 -10.15 6.02
C ARG A 32 0.44 -10.33 4.98
N LEU A 33 0.53 -9.60 3.86
CA LEU A 33 -0.42 -9.73 2.76
C LEU A 33 -0.50 -11.18 2.27
N PHE A 34 0.64 -11.80 1.99
CA PHE A 34 0.68 -13.13 1.41
C PHE A 34 0.24 -14.21 2.40
N LYS A 35 0.47 -14.00 3.70
CA LYS A 35 0.04 -14.97 4.69
C LYS A 35 -1.46 -14.83 4.98
N SER A 36 -1.96 -13.59 5.06
CA SER A 36 -3.39 -13.39 5.33
C SER A 36 -4.27 -13.66 4.13
N HIS A 37 -3.75 -13.47 2.91
CA HIS A 37 -4.52 -13.61 1.67
C HIS A 37 -3.64 -14.28 0.62
N PRO A 38 -3.43 -15.59 0.75
CA PRO A 38 -2.45 -16.26 -0.14
C PRO A 38 -2.75 -16.11 -1.62
N GLU A 39 -4.01 -15.92 -2.00
CA GLU A 39 -4.33 -15.75 -3.41
C GLU A 39 -3.58 -14.56 -4.03
N THR A 40 -3.22 -13.56 -3.22
CA THR A 40 -2.57 -12.37 -3.77
C THR A 40 -1.16 -12.68 -4.27
N LEU A 41 -0.51 -13.69 -3.71
CA LEU A 41 0.84 -14.04 -4.12
C LEU A 41 0.85 -14.51 -5.58
N GLU A 42 -0.26 -15.07 -6.06
CA GLU A 42 -0.34 -15.57 -7.43
C GLU A 42 -0.19 -14.47 -8.47
N LYS A 43 -0.42 -13.21 -8.10
CA LYS A 43 -0.26 -12.11 -9.05
C LYS A 43 1.19 -11.73 -9.30
N PHE A 44 2.13 -12.22 -8.49
CA PHE A 44 3.55 -11.88 -8.61
C PHE A 44 4.25 -13.03 -9.32
N ASP A 45 4.25 -12.97 -10.65
CA ASP A 45 4.84 -14.06 -11.42
C ASP A 45 6.29 -14.28 -11.03
N ARG A 46 6.99 -13.23 -10.60
CA ARG A 46 8.40 -13.38 -10.32
C ARG A 46 8.70 -14.18 -9.07
N PHE A 47 7.77 -14.26 -8.11
CA PHE A 47 8.07 -15.05 -6.91
C PHE A 47 6.84 -15.79 -6.36
N LYS A 48 5.86 -16.11 -7.22
CA LYS A 48 4.67 -16.78 -6.74
C LYS A 48 4.93 -18.20 -6.25
N HIS A 49 6.11 -18.74 -6.52
CA HIS A 49 6.48 -20.08 -6.07
C HIS A 49 6.96 -20.13 -4.62
N LEU A 50 7.15 -18.99 -3.97
CA LEU A 50 7.65 -19.00 -2.60
C LEU A 50 6.64 -19.69 -1.68
N LYS A 51 7.13 -20.57 -0.81
CA LYS A 51 6.26 -21.44 -0.03
C LYS A 51 6.13 -21.08 1.44
N THR A 52 7.12 -20.39 2.03
CA THR A 52 7.18 -20.15 3.48
C THR A 52 7.62 -18.71 3.76
N GLU A 53 7.37 -18.25 5.00
CA GLU A 53 7.84 -16.93 5.41
C GLU A 53 9.35 -16.82 5.34
N ALA A 54 10.06 -17.90 5.72
CA ALA A 54 11.51 -17.88 5.63
C ALA A 54 11.97 -17.62 4.19
N GLU A 55 11.35 -18.29 3.22
CA GLU A 55 11.72 -18.05 1.82
C GLU A 55 11.41 -16.63 1.40
N MET A 56 10.28 -16.09 1.88
CA MET A 56 9.91 -14.72 1.55
C MET A 56 10.92 -13.72 2.10
N LYS A 57 11.35 -13.92 3.37
CA LYS A 57 12.33 -13.02 3.98
C LYS A 57 13.67 -13.05 3.26
N ALA A 58 14.04 -14.20 2.69
CA ALA A 58 15.32 -14.37 2.02
C ALA A 58 15.33 -13.88 0.58
N SER A 59 14.17 -13.50 0.04
CA SER A 59 14.02 -13.16 -1.38
C SER A 59 14.40 -11.71 -1.62
N GLU A 60 15.51 -11.49 -2.33
CA GLU A 60 15.88 -10.12 -2.68
C GLU A 60 14.87 -9.52 -3.64
N ASP A 61 14.28 -10.33 -4.53
CA ASP A 61 13.25 -9.83 -5.45
C ASP A 61 12.04 -9.29 -4.70
N LEU A 62 11.56 -10.04 -3.69
CA LEU A 62 10.43 -9.58 -2.90
C LEU A 62 10.76 -8.28 -2.19
N LYS A 63 11.97 -8.20 -1.62
CA LYS A 63 12.39 -6.98 -0.92
C LYS A 63 12.34 -5.78 -1.87
N LYS A 64 12.89 -5.92 -3.09
CA LYS A 64 12.91 -4.80 -4.03
C LYS A 64 11.49 -4.38 -4.42
N VAL A 65 10.60 -5.35 -4.64
CA VAL A 65 9.21 -5.03 -4.96
C VAL A 65 8.53 -4.28 -3.82
N GLY A 66 8.84 -4.66 -2.57
CA GLY A 66 8.29 -3.92 -1.44
C GLY A 66 8.78 -2.49 -1.37
N VAL A 67 10.07 -2.27 -1.62
CA VAL A 67 10.61 -0.91 -1.63
C VAL A 67 9.92 -0.06 -2.68
N THR A 68 9.77 -0.62 -3.88
CA THR A 68 9.15 0.12 -4.98
C THR A 68 7.72 0.52 -4.64
N ALA A 69 6.93 -0.40 -4.08
CA ALA A 69 5.54 -0.09 -3.75
C ALA A 69 5.45 0.97 -2.66
N LEU A 70 6.23 0.82 -1.59
CA LEU A 70 6.12 1.79 -0.49
C LEU A 70 6.64 3.15 -0.91
N THR A 71 7.65 3.22 -1.78
CA THR A 71 8.14 4.52 -2.26
C THR A 71 7.08 5.23 -3.10
N ALA A 72 6.39 4.49 -3.98
CA ALA A 72 5.30 5.09 -4.75
C ALA A 72 4.17 5.56 -3.83
N LEU A 73 3.80 4.74 -2.84
CA LEU A 73 2.76 5.16 -1.90
C LEU A 73 3.18 6.39 -1.11
N GLY A 74 4.44 6.42 -0.64
CA GLY A 74 4.92 7.61 0.07
C GLY A 74 4.81 8.87 -0.74
N ALA A 75 5.14 8.80 -2.03
CA ALA A 75 5.04 9.99 -2.88
C ALA A 75 3.59 10.45 -2.99
N ILE A 76 2.66 9.50 -3.10
CA ILE A 76 1.23 9.81 -3.11
C ILE A 76 0.80 10.47 -1.80
N LEU A 77 1.17 9.90 -0.66
CA LEU A 77 0.74 10.46 0.62
C LEU A 77 1.27 11.88 0.81
N LYS A 78 2.51 12.13 0.37
CA LYS A 78 3.09 13.46 0.52
C LYS A 78 2.40 14.51 -0.34
N LYS A 79 1.65 14.11 -1.37
CA LYS A 79 0.81 15.06 -2.11
C LYS A 79 -0.46 15.45 -1.38
N LYS A 80 -0.79 14.81 -0.25
CA LYS A 80 -1.92 15.20 0.58
C LYS A 80 -3.21 15.35 -0.23
N GLY A 81 -3.48 14.34 -1.08
CA GLY A 81 -4.69 14.28 -1.86
C GLY A 81 -4.56 14.83 -3.27
N HIS A 82 -3.51 15.59 -3.56
CA HIS A 82 -3.30 16.18 -4.89
C HIS A 82 -2.45 15.23 -5.73
N HIS A 83 -2.96 14.02 -5.95
CA HIS A 83 -2.17 12.90 -6.47
C HIS A 83 -2.63 12.42 -7.84
N GLU A 84 -3.33 13.25 -8.60
CA GLU A 84 -3.84 12.84 -9.89
C GLU A 84 -2.72 12.35 -10.81
N ALA A 85 -1.61 13.08 -10.88
CA ALA A 85 -0.53 12.71 -11.80
C ALA A 85 0.08 11.37 -11.41
N GLU A 86 0.26 11.14 -10.11
CA GLU A 86 0.89 9.92 -9.61
C GLU A 86 0.00 8.70 -9.84
N LEU A 87 -1.32 8.88 -9.78
CA LEU A 87 -2.22 7.73 -9.93
C LEU A 87 -2.33 7.25 -11.37
N LYS A 88 -2.06 8.11 -12.36
CA LYS A 88 -2.25 7.68 -13.75
C LYS A 88 -1.41 6.46 -14.13
N PRO A 89 -0.07 6.49 -14.01
CA PRO A 89 0.70 5.32 -14.43
C PRO A 89 0.42 4.11 -13.56
N LEU A 90 0.15 4.34 -12.27
CA LEU A 90 -0.09 3.25 -11.34
C LEU A 90 -1.42 2.55 -11.65
N ALA A 91 -2.48 3.32 -11.87
CA ALA A 91 -3.76 2.73 -12.24
C ALA A 91 -3.65 1.99 -13.57
N GLN A 92 -2.96 2.56 -14.55
CA GLN A 92 -2.86 1.88 -15.84
C GLN A 92 -2.15 0.54 -15.70
N SER A 93 -1.01 0.49 -15.00
CA SER A 93 -0.30 -0.79 -14.92
C SER A 93 -1.09 -1.80 -14.08
N HIS A 94 -1.68 -1.36 -12.97
CA HIS A 94 -2.34 -2.30 -12.07
C HIS A 94 -3.67 -2.79 -12.64
N ALA A 95 -4.36 -1.96 -13.42
CA ALA A 95 -5.58 -2.41 -14.09
C ALA A 95 -5.28 -3.33 -15.27
N THR A 96 -4.32 -2.96 -16.11
CA THR A 96 -4.19 -3.53 -17.44
C THR A 96 -3.12 -4.61 -17.54
N LYS A 97 -1.99 -4.41 -16.87
CA LYS A 97 -0.91 -5.38 -16.92
C LYS A 97 -0.99 -6.38 -15.77
N HIS A 98 -1.00 -5.89 -14.54
CA HIS A 98 -0.93 -6.78 -13.39
C HIS A 98 -2.29 -7.37 -13.02
N LYS A 99 -3.37 -6.65 -13.34
CA LYS A 99 -4.75 -7.08 -13.08
C LYS A 99 -5.04 -7.26 -11.59
N ILE A 100 -4.91 -6.16 -10.84
CA ILE A 100 -5.05 -6.17 -9.39
C ILE A 100 -6.43 -5.63 -9.03
N PRO A 101 -7.35 -6.46 -8.54
CA PRO A 101 -8.67 -5.95 -8.14
C PRO A 101 -8.59 -5.00 -6.94
N ILE A 102 -9.57 -4.11 -6.85
CA ILE A 102 -9.66 -3.19 -5.72
C ILE A 102 -9.63 -3.96 -4.40
N LYS A 103 -10.27 -5.10 -4.36
CA LYS A 103 -10.28 -5.93 -3.14
C LYS A 103 -8.81 -6.21 -2.66
N TYR A 104 -7.89 -6.44 -3.60
CA TYR A 104 -6.51 -6.71 -3.19
C TYR A 104 -5.82 -5.44 -2.70
N LEU A 105 -6.19 -4.27 -3.21
CA LEU A 105 -5.72 -3.00 -2.65
C LEU A 105 -6.26 -2.80 -1.23
N GLU A 106 -7.49 -3.24 -0.96
CA GLU A 106 -7.99 -3.27 0.42
C GLU A 106 -7.14 -4.18 1.29
N PHE A 107 -6.79 -5.37 0.79
CA PHE A 107 -5.97 -6.29 1.57
C PHE A 107 -4.60 -5.69 1.90
N ILE A 108 -3.95 -5.04 0.92
CA ILE A 108 -2.63 -4.47 1.23
C ILE A 108 -2.76 -3.29 2.19
N SER A 109 -3.87 -2.54 2.11
CA SER A 109 -4.10 -1.45 3.06
C SER A 109 -4.21 -1.99 4.49
N GLU A 110 -4.92 -3.12 4.67
CA GLU A 110 -5.02 -3.77 5.98
C GLU A 110 -3.65 -4.20 6.48
N ALA A 111 -2.81 -4.75 5.58
CA ALA A 111 -1.46 -5.16 5.96
C ALA A 111 -0.61 -3.98 6.40
N ILE A 112 -0.70 -2.85 5.68
CA ILE A 112 0.01 -1.63 6.07
C ILE A 112 -0.42 -1.20 7.47
N ILE A 113 -1.72 -1.14 7.72
CA ILE A 113 -2.23 -0.73 9.03
C ILE A 113 -1.73 -1.70 10.11
N HIS A 114 -1.78 -3.00 9.86
CA HIS A 114 -1.35 -3.99 10.85
C HIS A 114 0.12 -3.81 11.22
N VAL A 115 0.97 -3.66 10.20
CA VAL A 115 2.41 -3.54 10.45
C VAL A 115 2.75 -2.22 11.16
N LEU A 116 2.13 -1.11 10.77
CA LEU A 116 2.37 0.15 11.46
C LEU A 116 1.90 0.10 12.90
N HIS A 117 0.78 -0.56 13.15
CA HIS A 117 0.31 -0.70 14.53
C HIS A 117 1.31 -1.50 15.36
N SER A 118 1.90 -2.56 14.79
CA SER A 118 2.86 -3.40 15.50
C SER A 118 4.18 -2.67 15.76
N ARG A 119 4.72 -2.04 14.71
CA ARG A 119 6.06 -1.46 14.78
C ARG A 119 6.10 -0.09 15.42
N HIS A 120 5.01 0.70 15.35
CA HIS A 120 5.02 2.13 15.70
C HIS A 120 3.90 2.52 16.66
N PRO A 121 3.77 1.84 17.79
CA PRO A 121 2.71 2.25 18.73
C PRO A 121 2.84 3.70 19.20
N GLY A 122 4.06 4.28 19.21
CA GLY A 122 4.28 5.66 19.61
C GLY A 122 3.84 6.70 18.61
N ASN A 123 3.55 6.28 17.42
CA ASN A 123 3.09 7.19 16.40
C ASN A 123 1.88 6.64 15.67
N PHE A 124 1.23 5.61 16.20
CA PHE A 124 0.12 4.96 15.54
C PHE A 124 -0.95 4.58 16.56
N GLY A 125 -1.32 5.55 17.41
CA GLY A 125 -2.49 5.43 18.26
C GLY A 125 -3.77 5.53 17.43
N ALA A 126 -4.91 5.59 18.13
CA ALA A 126 -6.21 5.48 17.45
C ALA A 126 -6.42 6.61 16.43
N ASP A 127 -6.14 7.86 16.81
CA ASP A 127 -6.34 8.97 15.88
C ASP A 127 -5.43 8.84 14.67
N ALA A 128 -4.16 8.46 14.88
CA ALA A 128 -3.25 8.30 13.74
C ALA A 128 -3.67 7.16 12.83
N GLN A 129 -4.13 6.05 13.41
CA GLN A 129 -4.61 4.93 12.58
C GLN A 129 -5.85 5.34 11.79
N GLY A 130 -6.76 6.11 12.39
CA GLY A 130 -7.92 6.60 11.66
C GLY A 130 -7.53 7.50 10.49
N ALA A 131 -6.55 8.37 10.70
CA ALA A 131 -6.07 9.24 9.63
C ALA A 131 -5.45 8.44 8.49
N MET A 132 -4.63 7.44 8.83
CA MET A 132 -4.04 6.59 7.80
C MET A 132 -5.12 5.81 7.04
N ASN A 133 -6.11 5.28 7.76
CA ASN A 133 -7.21 4.62 7.08
C ASN A 133 -7.90 5.57 6.09
N LYS A 134 -8.15 6.81 6.52
N LYS A 134 -8.20 6.80 6.54
CA LYS A 134 -8.82 7.76 5.65
CA LYS A 134 -8.80 7.78 5.64
C LYS A 134 -7.97 8.10 4.42
C LYS A 134 -7.95 7.98 4.39
N ALA A 135 -6.64 8.18 4.58
CA ALA A 135 -5.76 8.42 3.44
C ALA A 135 -5.76 7.23 2.46
N LEU A 136 -5.73 6.01 2.99
CA LEU A 136 -5.75 4.83 2.13
C LEU A 136 -7.11 4.65 1.46
N GLU A 137 -8.21 4.97 2.17
CA GLU A 137 -9.53 4.96 1.55
C GLU A 137 -9.62 5.94 0.39
N LEU A 138 -9.05 7.15 0.55
CA LEU A 138 -9.04 8.14 -0.53
C LEU A 138 -8.25 7.62 -1.73
N PHE A 139 -7.05 7.08 -1.47
CA PHE A 139 -6.24 6.46 -2.51
C PHE A 139 -7.04 5.40 -3.27
N ARG A 140 -7.71 4.49 -2.54
CA ARG A 140 -8.45 3.43 -3.22
C ARG A 140 -9.67 3.96 -3.97
N LYS A 141 -10.36 4.96 -3.42
CA LYS A 141 -11.50 5.55 -4.11
C LYS A 141 -11.06 6.16 -5.44
N ASP A 142 -9.97 6.92 -5.41
CA ASP A 142 -9.52 7.59 -6.62
C ASP A 142 -8.95 6.60 -7.64
N ILE A 143 -8.23 5.58 -7.18
CA ILE A 143 -7.73 4.58 -8.12
C ILE A 143 -8.87 3.78 -8.75
N ALA A 144 -9.90 3.45 -7.95
CA ALA A 144 -11.06 2.74 -8.49
C ALA A 144 -11.75 3.54 -9.58
N ALA A 145 -11.87 4.85 -9.38
CA ALA A 145 -12.46 5.69 -10.42
C ALA A 145 -11.60 5.68 -11.68
N LYS A 146 -10.27 5.69 -11.53
CA LYS A 146 -9.41 5.62 -12.70
C LYS A 146 -9.49 4.27 -13.40
N TYR A 147 -9.53 3.19 -12.62
CA TYR A 147 -9.74 1.85 -13.19
C TYR A 147 -10.94 1.85 -14.14
N LYS A 148 -12.06 2.41 -13.67
CA LYS A 148 -13.27 2.42 -14.48
CA LYS A 148 -13.27 2.41 -14.49
C LYS A 148 -13.09 3.25 -15.74
N GLU A 149 -12.43 4.40 -15.64
CA GLU A 149 -12.12 5.20 -16.84
C GLU A 149 -11.29 4.40 -17.84
N LEU A 150 -10.39 3.55 -17.34
CA LEU A 150 -9.45 2.76 -18.14
C LEU A 150 -10.07 1.48 -18.70
N GLY A 151 -11.30 1.15 -18.34
CA GLY A 151 -11.98 -0.03 -18.85
C GLY A 151 -11.94 -1.26 -17.98
N TYR A 152 -11.55 -1.14 -16.70
N TYR A 152 -11.59 -1.15 -16.70
CA TYR A 152 -11.40 -2.26 -15.78
CA TYR A 152 -11.46 -2.32 -15.84
C TYR A 152 -12.39 -2.09 -14.62
C TYR A 152 -12.31 -2.15 -14.59
N GLN A 153 -13.21 -3.10 -14.37
CA GLN A 153 -14.13 -2.99 -13.25
C GLN A 153 -13.41 -3.02 -11.91
N GLY A 154 -12.30 -3.75 -11.83
CA GLY A 154 -11.56 -3.83 -10.58
C GLY A 154 -12.26 -4.70 -9.55
C1 GLC B . 10.05 6.49 -10.49
C2 GLC B . 11.35 6.74 -9.74
C3 GLC B . 11.14 7.73 -8.61
C4 GLC B . 10.52 9.01 -9.15
C5 GLC B . 9.28 8.69 -9.98
C6 GLC B . 8.70 9.93 -10.65
O2 GLC B . 11.89 5.54 -9.23
O3 GLC B . 12.38 8.00 -7.97
O4 GLC B . 10.20 9.88 -8.07
O5 GLC B . 9.57 7.74 -10.98
O6 GLC B . 9.62 10.48 -11.58
H1 GLC B . 10.26 5.83 -11.34
H2 GLC B . 12.06 7.18 -10.44
H3 GLC B . 10.45 7.30 -7.89
H4 GLC B . 11.25 9.50 -9.80
H5 GLC B . 8.52 8.27 -9.31
H61 GLC B . 8.47 10.67 -9.89
H62 GLC B . 7.77 9.67 -11.15
HO2 GLC B . 11.31 4.79 -9.47
HO3 GLC B . 13.08 7.48 -8.41
HO4 GLC B . 10.44 9.46 -7.22
HO6 GLC B . 10.43 9.93 -11.58
C1 FRU B . 9.21 3.52 -10.17
C2 FRU B . 8.35 4.79 -10.20
C3 FRU B . 7.03 4.59 -9.43
C4 FRU B . 6.03 5.41 -10.23
C5 FRU B . 6.56 5.24 -11.66
C6 FRU B . 6.18 6.39 -12.59
O1 FRU B . 8.52 2.39 -10.68
O2 FRU B . 9.09 5.88 -9.64
O3 FRU B . 7.15 4.98 -8.07
O4 FRU B . 4.69 4.95 -10.12
O5 FRU B . 7.97 5.09 -11.54
O6 FRU B . 6.78 7.60 -12.16
H11 FRU B . 9.50 3.32 -9.14
H12 FRU B . 10.12 3.68 -10.75
H3 FRU B . 6.74 3.54 -9.48
H4 FRU B . 6.10 6.46 -9.94
H5 FRU B . 6.13 4.33 -12.06
H61 FRU B . 5.10 6.50 -12.61
H62 FRU B . 6.51 6.16 -13.60
HO1 FRU B . 9.17 1.75 -11.05
HO3 FRU B . 8.07 5.30 -7.91
HO4 FRU B . 4.67 4.18 -9.52
HO6 FRU B . 7.31 7.43 -11.35
S SO4 C . -4.54 8.26 20.62
O1 SO4 C . -5.09 8.95 21.79
O2 SO4 C . -5.27 8.68 19.43
O3 SO4 C . -3.12 8.59 20.50
O4 SO4 C . -4.67 6.82 20.81
CHA HEM D . 4.46 -3.33 -9.57
CHB HEM D . 3.05 0.21 -6.59
CHC HEM D . -0.31 -2.75 -4.70
CHD HEM D . 1.01 -6.20 -7.82
C1A HEM D . 4.36 -2.10 -8.96
C2A HEM D . 5.17 -0.93 -9.26
C3A HEM D . 4.80 0.05 -8.41
C4A HEM D . 3.74 -0.48 -7.57
CMA HEM D . 5.32 1.49 -8.31
CAA HEM D . 6.23 -0.80 -10.37
CBA HEM D . 5.70 0.06 -11.53
CGA HEM D . 4.35 -0.41 -12.05
O1A HEM D . 4.31 -1.51 -12.66
O2A HEM D . 3.34 0.32 -11.89
C1B HEM D . 2.02 -0.28 -5.81
C2B HEM D . 1.32 0.45 -4.77
C3B HEM D . 0.40 -0.37 -4.25
C4B HEM D . 0.48 -1.64 -4.96
CMB HEM D . 1.63 1.90 -4.42
CAB HEM D . -0.60 -0.13 -3.10
CBB HEM D . -0.30 0.62 -2.04
C1C HEM D . -0.21 -3.96 -5.36
C2C HEM D . -0.94 -5.17 -4.99
C3C HEM D . -0.57 -6.14 -5.85
C4C HEM D . 0.39 -5.56 -6.77
CMC HEM D . -1.92 -5.25 -3.81
CAC HEM D . -0.97 -7.62 -5.92
CBC HEM D . -1.82 -8.26 -5.11
C1D HEM D . 2.07 -5.75 -8.56
C2D HEM D . 2.87 -6.53 -9.47
C3D HEM D . 3.85 -5.75 -9.93
C4D HEM D . 3.68 -4.43 -9.33
CMD HEM D . 2.62 -8.02 -9.80
CAD HEM D . 5.01 -6.16 -10.83
CBD HEM D . 6.09 -6.67 -9.83
CGD HEM D . 7.38 -7.21 -10.41
O1D HEM D . 7.71 -8.40 -10.17
O2D HEM D . 8.11 -6.46 -11.08
NA HEM D . 3.48 -1.79 -7.94
NB HEM D . 1.49 -1.55 -5.90
NC HEM D . 0.58 -4.24 -6.44
ND HEM D . 2.60 -4.47 -8.48
FE HEM D . 1.99 -2.98 -7.25
HHB HEM D . 3.33 1.14 -6.43
HHC HEM D . -0.90 -2.70 -3.93
HHD HEM D . 0.65 -7.09 -8.08
HMA HEM D . 6.28 1.48 -8.12
HMAA HEM D . 4.85 1.96 -7.59
HMAB HEM D . 5.17 1.95 -9.16
HAA HEM D . 6.45 -1.69 -10.70
HAAA HEM D . 7.03 -0.40 -10.00
HBA HEM D . 6.34 0.04 -12.25
HBAA HEM D . 5.61 0.97 -11.21
HMB HEM D . 1.06 2.19 -3.70
HMBA HEM D . 1.49 2.46 -5.20
HMBB HEM D . 2.57 1.98 -4.14
HAB HEM D . -1.46 -0.54 -3.15
HBB HEM D . -0.96 0.75 -1.33
HBBA HEM D . 0.57 1.04 -1.97
HMC HEM D . -2.29 -6.14 -3.75
HMCA HEM D . -2.64 -4.62 -3.95
HMCB HEM D . -1.46 -5.03 -2.99
HAC HEM D . -0.58 -8.14 -6.63
HBC HEM D . -2.00 -9.21 -5.25
HBCA HEM D . -2.25 -7.79 -4.38
HMD HEM D . 2.68 -8.55 -8.99
HMDA HEM D . 3.30 -8.33 -10.44
HMDB HEM D . 1.73 -8.12 -10.20
HAD HEM D . 5.34 -5.40 -11.34
HADA HEM D . 4.75 -6.87 -11.43
HBD HEM D . 5.69 -7.36 -9.30
HBDA HEM D . 6.32 -5.93 -9.25
HHA HEM D . 5.18 -3.43 -10.25
S SO4 E . -8.52 17.94 12.89
O1 SO4 E . -9.13 17.77 14.20
O2 SO4 E . -9.05 19.14 12.26
O3 SO4 E . -8.82 16.78 12.05
O4 SO4 E . -7.07 18.06 13.03
S SO4 F . 6.31 -21.03 7.59
O1 SO4 F . 6.14 -19.77 6.90
O2 SO4 F . 5.96 -20.83 8.98
O3 SO4 F . 7.62 -21.66 7.58
O4 SO4 F . 5.43 -22.02 6.93
#